data_4FZI
#
_entry.id   4FZI
#
_cell.length_a   54.560
_cell.length_b   66.620
_cell.length_c   87.310
_cell.angle_alpha   90.000
_cell.angle_beta   94.290
_cell.angle_gamma   90.000
#
_symmetry.space_group_name_H-M   'P 1 21 1'
#
loop_
_entity.id
_entity.type
_entity.pdbx_description
1 polymer 'Prostaglandin F synthase'
2 non-polymer 'GLUTAMIC ACID'
3 non-polymer 'SULFATE ION'
4 water water
#
_entity_poly.entity_id   1
_entity_poly.type   'polypeptide(L)'
_entity_poly.pdbx_seq_one_letter_code
;MAHHHHHHMNCNYNCVTLHNSVRMPQLGLGVWRAQDGAETANAVRWAIEAGYRHIDTAYIYSNERGVGQGIRESGVPREE
VWVTTKVWNSDQGYEKTLAAFERSRELLGLEYIDLYLIHWPGKKKFVDTWKALEKLYEEKKVRAIGVSNFEPHHLTELFK
SCKIRPMVNQVELHPLFQQRTLREFCKQHNIAITAWSPLGSGEEAGILKNHVLGEIAKKHNKSPAQVVIRWDIQHGIVTI
PKSTNKGRIQENFNVWDFKLTEEEMRQIDELNEDKRIGADPDNFFPGGEE
;
_entity_poly.pdbx_strand_id   A,B
#
loop_
_chem_comp.id
_chem_comp.type
_chem_comp.name
_chem_comp.formula
SO4 non-polymer 'SULFATE ION' 'O4 S -2'
#
# COMPACT_ATOMS: atom_id res chain seq x y z
N TYR A 13 -19.43 -1.65 23.55
CA TYR A 13 -19.36 -2.11 22.14
C TYR A 13 -17.87 -2.20 21.63
N ASN A 14 -17.65 -2.36 20.33
CA ASN A 14 -16.29 -2.55 19.81
C ASN A 14 -15.36 -1.33 19.89
N CYS A 15 -14.09 -1.57 20.23
CA CYS A 15 -13.07 -0.53 20.33
C CYS A 15 -11.89 -0.97 19.47
N VAL A 16 -11.08 -0.03 19.01
CA VAL A 16 -9.82 -0.34 18.30
C VAL A 16 -8.62 0.16 19.14
N THR A 17 -7.54 -0.62 19.26
CA THR A 17 -6.44 -0.26 20.18
C THR A 17 -5.34 0.49 19.48
N LEU A 18 -4.99 1.67 19.98
CA LEU A 18 -3.94 2.47 19.33
C LEU A 18 -2.62 2.02 19.88
N HIS A 19 -1.51 2.49 19.30
CA HIS A 19 -0.19 1.93 19.65
C HIS A 19 0.28 2.31 20.99
N ASN A 20 -0.45 3.24 21.63
CA ASN A 20 -0.23 3.54 23.06
C ASN A 20 -1.25 2.89 24.00
N SER A 21 -2.00 1.90 23.48
CA SER A 21 -2.97 1.09 24.27
C SER A 21 -4.30 1.74 24.63
N VAL A 22 -4.46 3.00 24.23
CA VAL A 22 -5.73 3.65 24.38
C VAL A 22 -6.67 2.99 23.38
N ARG A 23 -7.91 2.85 23.85
CA ARG A 23 -8.94 2.12 23.15
C ARG A 23 -9.88 3.13 22.62
N MET A 24 -10.08 3.12 21.31
CA MET A 24 -10.82 4.17 20.61
C MET A 24 -12.12 3.57 20.09
N PRO A 25 -13.28 4.11 20.50
CA PRO A 25 -14.51 3.40 20.10
C PRO A 25 -14.64 3.35 18.61
N GLN A 26 -15.04 2.19 18.11
CA GLN A 26 -14.98 1.93 16.68
C GLN A 26 -16.06 2.66 15.91
N LEU A 27 -17.19 3.00 16.55
CA LEU A 27 -18.25 3.75 15.89
C LEU A 27 -18.43 5.09 16.55
N GLY A 28 -18.45 6.17 15.75
CA GLY A 28 -18.62 7.51 16.25
C GLY A 28 -19.54 8.34 15.38
N LEU A 29 -19.94 9.48 15.89
CA LEU A 29 -20.71 10.45 15.11
C LEU A 29 -19.74 11.45 14.50
N GLY A 30 -19.78 11.56 13.18
CA GLY A 30 -19.23 12.72 12.51
C GLY A 30 -20.21 13.89 12.67
N VAL A 31 -19.72 15.03 13.12
CA VAL A 31 -20.52 16.28 13.11
C VAL A 31 -20.04 17.26 12.00
N TRP A 32 -19.20 16.79 11.08
CA TRP A 32 -18.89 17.51 9.86
C TRP A 32 -20.16 17.85 9.15
N ARG A 33 -20.29 19.11 8.74
CA ARG A 33 -21.46 19.63 8.05
C ARG A 33 -22.65 20.01 8.96
N ALA A 34 -22.51 19.83 10.28
CA ALA A 34 -23.63 20.20 11.21
C ALA A 34 -23.53 21.68 11.58
N GLN A 35 -24.65 22.42 11.52
CA GLN A 35 -24.62 23.85 11.89
C GLN A 35 -24.45 23.90 13.42
N ASP A 36 -23.76 24.94 13.89
CA ASP A 36 -23.47 25.14 15.29
C ASP A 36 -24.75 25.46 16.08
N GLY A 37 -24.69 25.18 17.38
CA GLY A 37 -25.78 25.38 18.29
C GLY A 37 -26.68 24.15 18.25
N ALA A 38 -27.98 24.41 18.19
CA ALA A 38 -28.99 23.41 18.31
C ALA A 38 -28.71 22.18 17.46
N GLU A 39 -28.47 22.38 16.16
CA GLU A 39 -28.36 21.25 15.21
C GLU A 39 -27.35 20.20 15.70
N THR A 40 -26.17 20.68 16.08
CA THR A 40 -25.11 19.82 16.58
C THR A 40 -25.43 19.26 17.95
N ALA A 41 -25.76 20.14 18.89
CA ALA A 41 -26.03 19.74 20.28
C ALA A 41 -27.07 18.63 20.30
N ASN A 42 -28.11 18.78 19.51
CA ASN A 42 -29.05 17.72 19.29
C ASN A 42 -28.43 16.47 18.72
N ALA A 43 -27.67 16.61 17.65
CA ALA A 43 -27.06 15.44 17.03
C ALA A 43 -26.18 14.68 18.02
N VAL A 44 -25.34 15.41 18.73
CA VAL A 44 -24.45 14.82 19.68
C VAL A 44 -25.21 14.17 20.82
N ARG A 45 -26.23 14.85 21.32
CA ARG A 45 -27.01 14.34 22.44
C ARG A 45 -27.74 13.13 22.00
N TRP A 46 -28.28 13.16 20.81
CA TRP A 46 -29.06 12.04 20.34
C TRP A 46 -28.16 10.86 20.18
N ALA A 47 -26.92 11.10 19.77
CA ALA A 47 -26.00 10.01 19.51
C ALA A 47 -25.68 9.33 20.84
N ILE A 48 -25.40 10.17 21.83
CA ILE A 48 -25.01 9.68 23.14
C ILE A 48 -26.16 8.95 23.80
N GLU A 49 -27.36 9.48 23.64
CA GLU A 49 -28.53 8.79 24.09
C GLU A 49 -28.67 7.44 23.43
N ALA A 50 -28.40 7.36 22.13
CA ALA A 50 -28.53 6.09 21.42
C ALA A 50 -27.45 5.09 21.78
N GLY A 51 -26.33 5.59 22.34
CA GLY A 51 -25.19 4.74 22.76
C GLY A 51 -23.83 5.11 22.16
N TYR A 52 -23.78 6.00 21.18
CA TYR A 52 -22.49 6.42 20.65
C TYR A 52 -21.63 6.95 21.81
N ARG A 53 -20.34 6.67 21.78
CA ARG A 53 -19.40 7.16 22.80
C ARG A 53 -18.17 7.78 22.18
N HIS A 54 -18.36 8.44 21.02
CA HIS A 54 -17.27 8.95 20.21
C HIS A 54 -17.86 10.01 19.30
N ILE A 55 -17.41 11.26 19.45
CA ILE A 55 -17.84 12.36 18.59
C ILE A 55 -16.62 12.88 17.85
N ASP A 56 -16.74 13.10 16.54
CA ASP A 56 -15.63 13.56 15.73
C ASP A 56 -15.94 14.91 15.19
N THR A 57 -15.12 15.89 15.55
CA THR A 57 -15.33 17.26 15.09
C THR A 57 -14.03 17.90 14.62
N ALA A 58 -14.08 19.18 14.33
CA ALA A 58 -12.94 19.87 13.74
C ALA A 58 -13.15 21.33 13.90
N TYR A 59 -12.08 22.06 14.18
CA TYR A 59 -12.16 23.51 14.27
C TYR A 59 -12.94 24.07 13.08
N ILE A 60 -12.53 23.68 11.88
CA ILE A 60 -13.09 24.26 10.65
C ILE A 60 -14.57 23.97 10.47
N TYR A 61 -15.13 22.98 11.17
CA TYR A 61 -16.60 22.75 11.07
C TYR A 61 -17.37 23.84 11.81
N SER A 62 -16.64 24.66 12.58
CA SER A 62 -17.20 25.75 13.36
C SER A 62 -18.36 25.32 14.32
N ASN A 63 -18.24 24.13 14.92
CA ASN A 63 -19.30 23.61 15.78
C ASN A 63 -18.83 22.98 17.07
N GLU A 64 -17.65 23.39 17.54
CA GLU A 64 -17.10 22.85 18.78
C GLU A 64 -17.95 23.21 20.02
N ARG A 65 -18.60 24.38 20.01
CA ARG A 65 -19.45 24.80 21.14
C ARG A 65 -20.60 23.84 21.27
N GLY A 66 -21.28 23.65 20.15
CA GLY A 66 -22.42 22.76 20.07
C GLY A 66 -22.11 21.35 20.52
N VAL A 67 -20.98 20.80 20.08
CA VAL A 67 -20.51 19.50 20.53
C VAL A 67 -20.41 19.48 22.04
N GLY A 68 -19.73 20.45 22.60
CA GLY A 68 -19.58 20.52 24.06
C GLY A 68 -20.94 20.57 24.75
N GLN A 69 -21.90 21.27 24.11
CA GLN A 69 -23.22 21.43 24.71
C GLN A 69 -23.89 20.11 24.73
N GLY A 70 -23.83 19.41 23.61
CA GLY A 70 -24.47 18.11 23.51
C GLY A 70 -23.94 17.15 24.55
N ILE A 71 -22.62 17.15 24.72
CA ILE A 71 -22.01 16.26 25.67
C ILE A 71 -22.44 16.57 27.09
N ARG A 72 -22.37 17.83 27.49
CA ARG A 72 -22.80 18.20 28.83
C ARG A 72 -24.29 17.89 29.04
N GLU A 73 -25.10 18.13 28.02
CA GLU A 73 -26.54 17.88 28.12
C GLU A 73 -26.86 16.40 28.31
N SER A 74 -26.16 15.52 27.58
CA SER A 74 -26.40 14.07 27.64
C SER A 74 -26.28 13.54 29.04
N GLY A 75 -25.48 14.21 29.85
CA GLY A 75 -25.31 13.85 31.27
C GLY A 75 -24.30 12.72 31.47
N VAL A 76 -23.65 12.29 30.38
CA VAL A 76 -22.76 11.16 30.44
C VAL A 76 -21.41 11.65 30.91
N PRO A 77 -20.79 10.87 31.79
CA PRO A 77 -19.54 11.32 32.35
C PRO A 77 -18.51 11.51 31.26
N ARG A 78 -17.70 12.54 31.43
CA ARG A 78 -16.70 12.90 30.43
C ARG A 78 -15.83 11.72 29.98
N GLU A 79 -15.31 10.99 30.95
CA GLU A 79 -14.33 9.94 30.64
C GLU A 79 -14.95 8.78 29.89
N GLU A 80 -16.27 8.70 29.84
CA GLU A 80 -16.91 7.63 29.04
C GLU A 80 -17.08 7.98 27.56
N VAL A 81 -16.72 9.21 27.16
CA VAL A 81 -16.86 9.66 25.79
C VAL A 81 -15.54 10.06 25.16
N TRP A 82 -15.41 9.79 23.87
CA TRP A 82 -14.22 10.12 23.12
C TRP A 82 -14.46 11.30 22.22
N VAL A 83 -13.64 12.33 22.30
CA VAL A 83 -13.81 13.51 21.47
C VAL A 83 -12.58 13.71 20.62
N THR A 84 -12.76 13.76 19.28
CA THR A 84 -11.68 14.01 18.35
C THR A 84 -11.92 15.39 17.80
N THR A 85 -10.87 16.20 17.70
CA THR A 85 -10.93 17.43 16.91
C THR A 85 -9.58 17.65 16.21
N LYS A 86 -9.49 18.69 15.39
CA LYS A 86 -8.46 18.79 14.38
C LYS A 86 -7.94 20.22 14.18
N VAL A 87 -6.64 20.37 13.95
CA VAL A 87 -6.00 21.66 13.66
C VAL A 87 -6.14 21.99 12.18
N TRP A 88 -6.83 23.06 11.90
CA TRP A 88 -7.00 23.55 10.54
C TRP A 88 -5.72 24.02 9.86
N ASN A 89 -5.75 24.00 8.53
CA ASN A 89 -4.60 24.30 7.71
C ASN A 89 -3.98 25.65 8.07
N SER A 90 -4.82 26.67 8.21
CA SER A 90 -4.32 28.01 8.51
C SER A 90 -3.68 28.14 9.88
N ASP A 91 -3.80 27.13 10.77
CA ASP A 91 -3.19 27.22 12.12
C ASP A 91 -2.02 26.28 12.24
N GLN A 92 -1.47 25.88 11.11
CA GLN A 92 -0.30 25.01 11.13
C GLN A 92 0.95 25.78 11.54
N GLY A 93 1.93 25.07 12.06
CA GLY A 93 3.12 25.64 12.65
C GLY A 93 3.07 25.49 14.15
N TYR A 94 4.25 25.36 14.77
CA TYR A 94 4.37 25.00 16.16
C TYR A 94 3.49 25.83 17.11
N GLU A 95 3.75 27.10 17.18
CA GLU A 95 3.09 27.96 18.15
C GLU A 95 1.63 28.18 17.79
N LYS A 96 1.38 28.34 16.50
CA LYS A 96 0.02 28.53 15.96
C LYS A 96 -0.88 27.35 16.25
N THR A 97 -0.29 26.15 16.13
CA THR A 97 -0.99 24.88 16.39
C THR A 97 -1.28 24.77 17.87
N LEU A 98 -0.30 25.11 18.71
CA LEU A 98 -0.49 25.09 20.16
C LEU A 98 -1.64 26.00 20.56
N ALA A 99 -1.69 27.17 19.91
CA ALA A 99 -2.73 28.16 20.17
C ALA A 99 -4.09 27.64 19.67
N ALA A 100 -4.14 26.99 18.51
CA ALA A 100 -5.44 26.50 18.02
C ALA A 100 -5.96 25.39 18.95
N PHE A 101 -5.08 24.64 19.57
CA PHE A 101 -5.53 23.63 20.48
C PHE A 101 -6.31 24.22 21.64
N GLU A 102 -5.78 25.31 22.20
CA GLU A 102 -6.42 25.96 23.32
C GLU A 102 -7.76 26.54 22.93
N ARG A 103 -7.81 27.23 21.78
CA ARG A 103 -9.07 27.81 21.26
C ARG A 103 -10.16 26.68 21.17
N SER A 104 -9.76 25.51 20.66
CA SER A 104 -10.63 24.35 20.55
C SER A 104 -11.04 23.81 21.93
N ARG A 105 -10.07 23.65 22.81
CA ARG A 105 -10.34 23.18 24.16
C ARG A 105 -11.36 24.07 24.87
N GLU A 106 -11.10 25.38 24.88
CA GLU A 106 -11.99 26.35 25.49
C GLU A 106 -13.36 26.26 24.83
N LEU A 107 -13.41 26.16 23.50
CA LEU A 107 -14.72 26.11 22.83
C LEU A 107 -15.47 24.80 23.18
N LEU A 108 -14.77 23.68 23.32
CA LEU A 108 -15.45 22.42 23.69
C LEU A 108 -15.82 22.39 25.17
N GLY A 109 -15.15 23.21 25.98
CA GLY A 109 -15.43 23.27 27.41
C GLY A 109 -14.79 22.10 28.10
N LEU A 110 -13.64 21.67 27.61
CA LEU A 110 -13.04 20.43 28.04
C LEU A 110 -11.68 20.66 28.72
N GLU A 111 -11.33 19.80 29.69
CA GLU A 111 -10.05 19.89 30.34
C GLU A 111 -9.01 19.20 29.49
N TYR A 112 -9.44 18.16 28.76
CA TYR A 112 -8.58 17.46 27.80
C TYR A 112 -9.39 16.96 26.60
N ILE A 113 -8.68 16.64 25.53
CA ILE A 113 -9.26 16.14 24.31
C ILE A 113 -8.69 14.76 24.06
N ASP A 114 -9.51 13.82 23.63
CA ASP A 114 -9.03 12.45 23.51
C ASP A 114 -8.06 12.26 22.35
N LEU A 115 -8.35 12.90 21.21
CA LEU A 115 -7.55 12.74 19.96
C LEU A 115 -7.46 14.06 19.24
N TYR A 116 -6.26 14.47 18.83
CA TYR A 116 -6.10 15.72 18.04
C TYR A 116 -5.35 15.35 16.79
N LEU A 117 -5.88 15.73 15.63
CA LEU A 117 -5.31 15.38 14.33
C LEU A 117 -4.85 16.59 13.50
N ILE A 118 -3.85 16.40 12.65
CA ILE A 118 -3.61 17.34 11.57
C ILE A 118 -4.67 17.10 10.48
N HIS A 119 -5.44 18.12 10.14
CA HIS A 119 -6.58 17.96 9.25
C HIS A 119 -6.21 17.68 7.80
N TRP A 120 -5.23 18.41 7.28
CA TRP A 120 -4.66 18.12 5.97
C TRP A 120 -3.18 18.25 6.09
N PRO A 121 -2.40 17.46 5.34
CA PRO A 121 -0.96 17.59 5.38
C PRO A 121 -0.45 18.92 4.81
N GLY A 122 -0.85 19.28 3.61
CA GLY A 122 -0.23 20.40 2.92
C GLY A 122 1.11 19.94 2.37
N LYS A 123 2.11 20.82 2.45
CA LYS A 123 3.45 20.59 1.95
C LYS A 123 4.53 21.13 2.92
N LYS A 124 4.43 22.38 3.34
CA LYS A 124 5.58 23.02 4.02
C LYS A 124 5.64 22.89 5.57
N LYS A 125 4.48 22.75 6.23
CA LYS A 125 4.40 22.96 7.68
C LYS A 125 4.02 21.77 8.55
N PHE A 126 3.77 20.61 7.97
CA PHE A 126 3.20 19.56 8.76
C PHE A 126 4.15 18.91 9.77
N VAL A 127 5.42 18.81 9.46
CA VAL A 127 6.42 18.31 10.41
C VAL A 127 6.42 19.20 11.67
N ASP A 128 6.43 20.50 11.45
CA ASP A 128 6.41 21.50 12.54
C ASP A 128 5.15 21.35 13.38
N THR A 129 4.01 21.25 12.71
CA THR A 129 2.71 21.02 13.36
C THR A 129 2.73 19.76 14.22
N TRP A 130 3.35 18.70 13.70
CA TRP A 130 3.42 17.45 14.45
C TRP A 130 4.20 17.61 15.74
N LYS A 131 5.26 18.43 15.71
CA LYS A 131 6.03 18.71 16.92
C LYS A 131 5.11 19.28 18.01
N ALA A 132 4.19 20.16 17.64
CA ALA A 132 3.21 20.67 18.62
C ALA A 132 2.28 19.57 19.20
N LEU A 133 1.92 18.60 18.37
CA LEU A 133 1.05 17.53 18.83
C LEU A 133 1.78 16.63 19.85
N GLU A 134 3.05 16.39 19.59
CA GLU A 134 3.92 15.69 20.53
C GLU A 134 4.00 16.40 21.87
N LYS A 135 4.05 17.73 21.85
CA LYS A 135 4.09 18.50 23.09
C LYS A 135 2.83 18.32 23.88
N LEU A 136 1.70 18.45 23.20
CA LEU A 136 0.42 18.40 23.87
C LEU A 136 0.24 17.02 24.50
N TYR A 137 0.77 16.00 23.82
CA TYR A 137 0.73 14.64 24.28
C TYR A 137 1.63 14.48 25.49
N GLU A 138 2.81 15.11 25.49
CA GLU A 138 3.74 15.06 26.68
C GLU A 138 3.12 15.80 27.84
N GLU A 139 2.42 16.90 27.56
CA GLU A 139 1.73 17.67 28.60
C GLU A 139 0.43 17.00 29.11
N LYS A 140 0.09 15.84 28.58
CA LYS A 140 -1.10 15.08 28.98
C LYS A 140 -2.40 15.83 28.67
N LYS A 141 -2.38 16.76 27.74
CA LYS A 141 -3.58 17.46 27.32
C LYS A 141 -4.39 16.72 26.25
N VAL A 142 -3.77 15.78 25.56
CA VAL A 142 -4.48 14.91 24.64
C VAL A 142 -4.11 13.48 24.95
N ARG A 143 -5.03 12.53 24.76
CA ARG A 143 -4.74 11.13 25.05
C ARG A 143 -4.15 10.37 23.87
N ALA A 144 -4.33 10.91 22.66
CA ALA A 144 -3.76 10.35 21.44
C ALA A 144 -3.57 11.44 20.35
N ILE A 145 -2.65 11.22 19.43
CA ILE A 145 -2.33 12.16 18.39
C ILE A 145 -2.23 11.40 17.07
N GLY A 146 -2.65 12.06 15.99
CA GLY A 146 -2.68 11.44 14.67
C GLY A 146 -2.86 12.50 13.63
N VAL A 147 -3.18 12.04 12.42
CA VAL A 147 -3.25 12.88 11.24
C VAL A 147 -4.50 12.55 10.43
N SER A 148 -4.76 13.33 9.40
CA SER A 148 -5.93 13.09 8.55
C SER A 148 -5.61 13.45 7.10
N ASN A 149 -6.13 12.61 6.22
CA ASN A 149 -5.85 12.75 4.79
C ASN A 149 -4.36 12.70 4.50
N PHE A 150 -3.61 11.98 5.33
CA PHE A 150 -2.22 11.73 5.01
C PHE A 150 -2.06 10.50 4.11
N GLU A 151 -1.10 10.61 3.22
CA GLU A 151 -0.80 9.62 2.21
C GLU A 151 0.49 8.96 2.71
N PRO A 152 0.80 7.77 2.20
CA PRO A 152 2.03 7.16 2.69
C PRO A 152 3.25 8.05 2.59
N HIS A 153 3.42 8.78 1.51
CA HIS A 153 4.64 9.62 1.38
C HIS A 153 4.70 10.68 2.42
N HIS A 154 3.57 11.26 2.80
CA HIS A 154 3.55 12.21 3.90
C HIS A 154 4.02 11.54 5.15
N LEU A 155 3.46 10.38 5.40
CA LEU A 155 3.78 9.65 6.60
C LEU A 155 5.22 9.23 6.60
N THR A 156 5.73 8.74 5.46
CA THR A 156 7.14 8.39 5.39
C THR A 156 8.01 9.61 5.65
N GLU A 157 7.60 10.79 5.17
CA GLU A 157 8.40 11.97 5.37
C GLU A 157 8.35 12.34 6.83
N LEU A 158 7.16 12.34 7.41
CA LEU A 158 7.00 12.66 8.83
C LEU A 158 7.81 11.71 9.69
N PHE A 159 7.88 10.43 9.31
CA PHE A 159 8.63 9.50 10.12
C PHE A 159 10.10 9.91 10.29
N LYS A 160 10.67 10.63 9.34
CA LYS A 160 12.14 11.00 9.45
C LYS A 160 12.38 11.98 10.61
N SER A 161 11.38 12.75 11.00
CA SER A 161 11.55 13.86 11.95
C SER A 161 10.60 13.79 13.17
N CYS A 162 10.25 12.62 13.70
CA CYS A 162 9.42 12.62 14.88
C CYS A 162 9.85 11.72 16.03
N LYS A 163 9.42 12.05 17.26
CA LYS A 163 9.70 11.21 18.42
C LYS A 163 8.57 10.20 18.59
N ILE A 164 7.31 10.65 18.68
CA ILE A 164 6.16 9.75 18.66
C ILE A 164 5.53 9.70 17.28
N ARG A 165 5.31 8.50 16.75
CA ARG A 165 4.69 8.35 15.45
C ARG A 165 3.18 8.44 15.56
N PRO A 166 2.52 8.96 14.52
CA PRO A 166 1.04 9.06 14.49
C PRO A 166 0.29 7.80 14.91
N MET A 167 -0.88 7.96 15.53
CA MET A 167 -1.66 6.83 16.01
C MET A 167 -2.93 6.57 15.15
N VAL A 168 -3.40 7.59 14.47
CA VAL A 168 -4.59 7.49 13.66
C VAL A 168 -4.31 8.19 12.37
N ASN A 169 -4.94 7.74 11.31
CA ASN A 169 -5.01 8.51 10.07
C ASN A 169 -6.43 8.46 9.58
N GLN A 170 -7.13 9.56 9.59
CA GLN A 170 -8.56 9.60 9.20
C GLN A 170 -8.65 10.02 7.77
N VAL A 171 -9.14 9.14 6.91
CA VAL A 171 -9.11 9.37 5.45
C VAL A 171 -10.43 8.99 4.75
N GLU A 172 -10.59 9.44 3.51
CA GLU A 172 -11.71 8.98 2.72
C GLU A 172 -11.60 7.45 2.54
N LEU A 173 -12.66 6.74 2.91
CA LEU A 173 -12.63 5.27 2.76
C LEU A 173 -14.03 4.74 2.72
N HIS A 174 -14.35 4.05 1.63
CA HIS A 174 -15.67 3.53 1.39
C HIS A 174 -15.56 2.47 0.35
N PRO A 175 -16.66 1.80 0.01
CA PRO A 175 -16.49 0.64 -0.87
C PRO A 175 -15.99 0.90 -2.30
N LEU A 176 -16.07 2.12 -2.82
CA LEU A 176 -15.53 2.43 -4.16
C LEU A 176 -14.10 3.01 -4.08
N PHE A 177 -13.69 3.39 -2.86
CA PHE A 177 -12.33 3.87 -2.60
C PHE A 177 -11.78 3.19 -1.31
N GLN A 178 -11.22 2.01 -1.48
CA GLN A 178 -10.89 1.13 -0.36
C GLN A 178 -9.47 1.31 0.22
N GLN A 179 -8.65 2.14 -0.41
CA GLN A 179 -7.38 2.62 0.17
C GLN A 179 -6.49 1.45 0.53
N ARG A 180 -6.45 0.44 -0.32
CA ARG A 180 -5.65 -0.77 0.01
C ARG A 180 -4.17 -0.48 0.30
N THR A 181 -3.53 0.31 -0.55
CA THR A 181 -2.14 0.70 -0.32
C THR A 181 -1.97 1.27 1.11
N LEU A 182 -2.74 2.30 1.46
CA LEU A 182 -2.58 2.97 2.75
C LEU A 182 -2.88 2.06 3.92
N ARG A 183 -3.94 1.26 3.78
CA ARG A 183 -4.30 0.25 4.77
CA ARG A 183 -4.31 0.25 4.77
C ARG A 183 -3.13 -0.65 5.07
N GLU A 184 -2.46 -1.14 4.04
CA GLU A 184 -1.28 -1.98 4.26
C GLU A 184 -0.14 -1.16 4.87
N PHE A 185 0.02 0.07 4.41
CA PHE A 185 1.04 0.92 4.97
C PHE A 185 0.78 1.17 6.48
N CYS A 186 -0.50 1.31 6.85
CA CYS A 186 -0.88 1.59 8.21
C CYS A 186 -0.83 0.32 9.05
N LYS A 187 -1.25 -0.82 8.51
CA LYS A 187 -1.05 -2.08 9.22
C LYS A 187 0.41 -2.21 9.66
N GLN A 188 1.31 -1.83 8.77
CA GLN A 188 2.74 -2.04 8.94
C GLN A 188 3.42 -1.03 9.84
N HIS A 189 2.87 0.15 9.97
CA HIS A 189 3.39 1.11 10.95
C HIS A 189 2.48 1.38 12.14
N ASN A 190 1.64 0.40 12.47
CA ASN A 190 0.89 0.44 13.71
C ASN A 190 -0.06 1.66 13.83
N ILE A 191 -0.72 2.01 12.74
CA ILE A 191 -1.63 3.16 12.68
C ILE A 191 -3.05 2.71 12.41
N ALA A 192 -4.00 3.17 13.22
CA ALA A 192 -5.41 2.87 13.03
C ALA A 192 -6.02 3.81 11.97
N ILE A 193 -6.78 3.25 11.04
CA ILE A 193 -7.46 4.07 10.04
C ILE A 193 -8.84 4.42 10.54
N THR A 194 -9.22 5.69 10.37
CA THR A 194 -10.61 6.10 10.51
C THR A 194 -11.19 6.44 9.15
N ALA A 195 -12.39 5.96 8.84
CA ALA A 195 -13.04 6.24 7.56
C ALA A 195 -14.00 7.44 7.56
N TRP A 196 -13.73 8.45 6.74
CA TRP A 196 -14.81 9.39 6.41
C TRP A 196 -15.34 9.15 5.03
N SER A 197 -16.53 9.67 4.77
CA SER A 197 -17.06 9.61 3.40
C SER A 197 -18.04 10.66 3.05
N PRO A 198 -18.09 11.03 1.75
CA PRO A 198 -19.03 12.10 1.28
C PRO A 198 -20.50 11.60 1.22
N LEU A 199 -20.99 11.13 2.37
CA LEU A 199 -22.35 10.59 2.61
C LEU A 199 -22.86 11.05 4.00
N GLY A 200 -24.19 11.07 4.15
CA GLY A 200 -24.84 11.38 5.43
C GLY A 200 -25.58 12.70 5.41
N SER A 201 -24.95 13.69 4.79
CA SER A 201 -25.58 14.99 4.48
C SER A 201 -26.27 15.02 3.09
N GLY A 202 -26.31 13.88 2.40
CA GLY A 202 -27.01 13.75 1.11
C GLY A 202 -26.24 14.33 -0.07
N GLU A 203 -25.05 13.80 -0.35
CA GLU A 203 -24.29 14.12 -1.57
C GLU A 203 -24.74 13.12 -2.64
N GLU A 204 -24.13 13.16 -3.83
CA GLU A 204 -24.50 12.27 -4.97
C GLU A 204 -24.99 10.85 -4.56
N ALA A 205 -24.34 10.22 -3.58
CA ALA A 205 -24.72 8.89 -3.02
C ALA A 205 -24.72 7.71 -4.04
N GLY A 206 -23.78 7.73 -4.98
CA GLY A 206 -23.53 6.58 -5.85
C GLY A 206 -22.91 5.42 -5.08
N ILE A 207 -22.16 5.76 -4.04
CA ILE A 207 -21.47 4.79 -3.19
C ILE A 207 -22.43 3.71 -2.71
N LEU A 208 -23.58 4.16 -2.21
CA LEU A 208 -24.59 3.26 -1.63
C LEU A 208 -25.54 2.60 -2.63
N LYS A 209 -25.61 3.10 -3.86
CA LYS A 209 -26.66 2.67 -4.81
C LYS A 209 -26.04 1.68 -5.85
N ASN A 210 -25.95 0.41 -5.45
CA ASN A 210 -25.41 -0.69 -6.27
C ASN A 210 -25.97 -2.06 -5.78
N HIS A 211 -25.97 -3.04 -6.66
CA HIS A 211 -26.65 -4.31 -6.37
C HIS A 211 -26.05 -5.10 -5.25
N VAL A 212 -24.73 -5.02 -5.06
CA VAL A 212 -24.06 -5.78 -3.99
C VAL A 212 -24.56 -5.31 -2.63
N LEU A 213 -24.44 -4.01 -2.38
CA LEU A 213 -24.90 -3.47 -1.10
C LEU A 213 -26.40 -3.66 -0.95
N GLY A 214 -27.12 -3.52 -2.05
CA GLY A 214 -28.57 -3.61 -2.01
C GLY A 214 -29.02 -4.97 -1.52
N GLU A 215 -28.48 -6.01 -2.13
CA GLU A 215 -28.96 -7.32 -1.83
C GLU A 215 -28.39 -7.78 -0.48
N ILE A 216 -27.21 -7.31 -0.06
CA ILE A 216 -26.75 -7.68 1.28
C ILE A 216 -27.66 -7.00 2.34
N ALA A 217 -27.97 -5.71 2.10
CA ALA A 217 -28.93 -4.98 2.95
C ALA A 217 -30.24 -5.71 3.01
N LYS A 218 -30.78 -6.11 1.87
CA LYS A 218 -32.06 -6.85 1.86
C LYS A 218 -31.97 -8.17 2.62
N LYS A 219 -30.91 -8.95 2.40
CA LYS A 219 -30.76 -10.24 3.09
C LYS A 219 -30.79 -10.14 4.60
N HIS A 220 -30.20 -9.09 5.17
CA HIS A 220 -30.11 -8.91 6.63
C HIS A 220 -31.19 -8.02 7.19
N ASN A 221 -32.10 -7.57 6.35
CA ASN A 221 -33.12 -6.64 6.78
C ASN A 221 -32.52 -5.38 7.39
N LYS A 222 -31.51 -4.83 6.72
CA LYS A 222 -30.88 -3.57 7.10
C LYS A 222 -30.78 -2.67 5.86
N SER A 223 -30.28 -1.45 6.05
CA SER A 223 -30.12 -0.54 4.94
C SER A 223 -28.70 -0.63 4.36
N PRO A 224 -28.51 -0.18 3.15
CA PRO A 224 -27.18 -0.22 2.62
C PRO A 224 -26.15 0.55 3.46
N ALA A 225 -26.59 1.59 4.14
CA ALA A 225 -25.68 2.35 4.92
C ALA A 225 -25.30 1.54 6.14
N GLN A 226 -26.26 0.87 6.75
CA GLN A 226 -25.94 0.03 7.90
C GLN A 226 -24.92 -1.06 7.49
N VAL A 227 -25.02 -1.56 6.25
CA VAL A 227 -24.11 -2.59 5.76
C VAL A 227 -22.67 -2.07 5.63
N VAL A 228 -22.50 -0.96 4.92
CA VAL A 228 -21.19 -0.36 4.79
C VAL A 228 -20.52 -0.13 6.16
N ILE A 229 -21.28 0.41 7.11
CA ILE A 229 -20.78 0.62 8.46
C ILE A 229 -20.28 -0.70 9.04
N ARG A 230 -21.09 -1.73 8.91
CA ARG A 230 -20.73 -3.04 9.46
C ARG A 230 -19.49 -3.57 8.76
N TRP A 231 -19.42 -3.38 7.44
CA TRP A 231 -18.26 -3.78 6.68
C TRP A 231 -17.03 -3.07 7.21
N ASP A 232 -17.17 -1.77 7.52
CA ASP A 232 -16.06 -1.06 8.14
C ASP A 232 -15.66 -1.77 9.46
N ILE A 233 -16.66 -2.08 10.29
CA ILE A 233 -16.39 -2.63 11.57
C ILE A 233 -15.62 -3.93 11.40
N GLN A 234 -16.04 -4.80 10.51
CA GLN A 234 -15.43 -6.11 10.47
C GLN A 234 -14.02 -6.08 9.84
N HIS A 235 -13.68 -4.98 9.16
CA HIS A 235 -12.30 -4.77 8.66
C HIS A 235 -11.42 -4.09 9.70
N GLY A 236 -11.97 -3.87 10.88
CA GLY A 236 -11.25 -3.19 11.92
C GLY A 236 -10.93 -1.71 11.70
N ILE A 237 -11.69 -1.05 10.83
CA ILE A 237 -11.60 0.37 10.53
C ILE A 237 -12.55 1.15 11.46
N VAL A 238 -12.13 2.32 11.91
CA VAL A 238 -12.96 3.14 12.78
C VAL A 238 -13.89 3.90 11.87
N THR A 239 -15.15 4.04 12.26
CA THR A 239 -16.11 4.67 11.36
C THR A 239 -16.96 5.77 12.05
N ILE A 240 -17.09 6.91 11.35
CA ILE A 240 -17.68 8.14 11.89
C ILE A 240 -18.77 8.76 10.97
N PRO A 241 -19.83 8.01 10.72
CA PRO A 241 -20.93 8.45 9.89
C PRO A 241 -21.57 9.69 10.44
N LYS A 242 -21.78 10.66 9.55
CA LYS A 242 -22.32 11.95 9.94
C LYS A 242 -23.76 12.03 9.56
N SER A 243 -24.56 12.56 10.47
CA SER A 243 -25.94 12.93 10.23
C SER A 243 -26.38 13.83 11.36
N THR A 244 -27.30 14.73 11.04
CA THR A 244 -28.00 15.57 12.03
C THR A 244 -29.43 15.13 12.30
N ASN A 245 -29.84 14.02 11.70
CA ASN A 245 -31.22 13.54 11.81
C ASN A 245 -31.37 12.43 12.86
N LYS A 246 -32.24 12.64 13.83
CA LYS A 246 -32.35 11.73 14.96
C LYS A 246 -32.54 10.28 14.57
N GLY A 247 -33.38 10.02 13.57
CA GLY A 247 -33.67 8.66 13.10
C GLY A 247 -32.47 8.03 12.41
N ARG A 248 -31.88 8.76 11.46
CA ARG A 248 -30.68 8.27 10.75
C ARG A 248 -29.54 8.03 11.76
N ILE A 249 -29.36 8.95 12.70
CA ILE A 249 -28.34 8.79 13.73
C ILE A 249 -28.57 7.48 14.49
N GLN A 250 -29.83 7.17 14.80
CA GLN A 250 -30.17 5.91 15.47
C GLN A 250 -29.94 4.71 14.57
N GLU A 251 -30.20 4.86 13.28
CA GLU A 251 -30.09 3.74 12.37
C GLU A 251 -28.62 3.39 12.23
N ASN A 252 -27.79 4.39 12.08
CA ASN A 252 -26.38 4.14 11.91
C ASN A 252 -25.76 3.41 13.07
N PHE A 253 -26.38 3.49 14.26
CA PHE A 253 -25.87 2.79 15.44
C PHE A 253 -26.40 1.37 15.56
N ASN A 254 -27.45 1.02 14.83
CA ASN A 254 -28.08 -0.30 15.00
C ASN A 254 -27.40 -1.32 14.08
N VAL A 255 -26.11 -1.53 14.34
CA VAL A 255 -25.22 -2.36 13.50
C VAL A 255 -24.52 -3.44 14.31
N TRP A 256 -25.09 -3.80 15.47
CA TRP A 256 -24.43 -4.70 16.42
C TRP A 256 -25.14 -5.99 16.54
N ASP A 257 -26.29 -6.12 15.87
CA ASP A 257 -27.14 -7.29 15.99
C ASP A 257 -27.09 -8.10 14.69
N PHE A 258 -26.04 -7.90 13.90
CA PHE A 258 -25.85 -8.72 12.74
C PHE A 258 -24.41 -8.78 12.32
N LYS A 259 -24.07 -9.86 11.62
CA LYS A 259 -22.71 -10.08 11.15
C LYS A 259 -22.75 -10.29 9.60
N LEU A 260 -21.86 -9.62 8.87
CA LEU A 260 -21.68 -9.93 7.44
C LEU A 260 -20.86 -11.24 7.34
N THR A 261 -21.19 -12.12 6.40
CA THR A 261 -20.45 -13.39 6.20
C THR A 261 -19.10 -13.11 5.54
N GLU A 262 -18.18 -14.04 5.65
CA GLU A 262 -16.90 -13.91 4.95
C GLU A 262 -17.16 -13.63 3.45
N GLU A 263 -18.17 -14.26 2.86
CA GLU A 263 -18.44 -14.09 1.44
C GLU A 263 -19.00 -12.71 1.13
N GLU A 264 -19.92 -12.26 1.98
CA GLU A 264 -20.43 -10.91 1.82
C GLU A 264 -19.28 -9.84 1.90
N MET A 265 -18.27 -10.08 2.74
CA MET A 265 -17.13 -9.17 2.83
C MET A 265 -16.32 -9.17 1.56
N ARG A 266 -16.06 -10.33 0.97
CA ARG A 266 -15.29 -10.37 -0.30
C ARG A 266 -16.08 -9.64 -1.42
N GLN A 267 -17.39 -9.81 -1.39
CA GLN A 267 -18.26 -9.21 -2.38
C GLN A 267 -18.24 -7.68 -2.30
N ILE A 268 -18.29 -7.14 -1.10
CA ILE A 268 -18.23 -5.70 -0.94
C ILE A 268 -16.81 -5.26 -1.34
N ASP A 269 -15.79 -6.04 -0.93
CA ASP A 269 -14.37 -5.69 -1.28
C ASP A 269 -14.19 -5.62 -2.80
N GLU A 270 -14.86 -6.52 -3.52
CA GLU A 270 -14.82 -6.49 -4.97
C GLU A 270 -15.32 -5.17 -5.63
N LEU A 271 -16.13 -4.40 -4.92
CA LEU A 271 -16.60 -3.12 -5.42
C LEU A 271 -15.50 -2.09 -5.58
N ASN A 272 -14.33 -2.32 -5.04
CA ASN A 272 -13.29 -1.31 -5.11
C ASN A 272 -12.98 -0.85 -6.54
N GLU A 273 -12.98 0.47 -6.75
CA GLU A 273 -12.65 1.07 -8.01
C GLU A 273 -11.53 2.12 -7.87
N ASP A 274 -10.96 2.25 -6.67
CA ASP A 274 -10.02 3.32 -6.40
C ASP A 274 -10.51 4.66 -6.91
N LYS A 275 -11.83 4.87 -6.85
CA LYS A 275 -12.48 6.10 -7.28
C LYS A 275 -12.57 7.09 -6.09
N ARG A 276 -11.63 8.02 -6.01
CA ARG A 276 -11.69 9.07 -5.00
C ARG A 276 -12.80 10.02 -5.38
N ILE A 277 -13.57 10.49 -4.39
CA ILE A 277 -14.71 11.36 -4.61
C ILE A 277 -14.55 12.70 -3.95
N GLY A 278 -13.84 12.73 -2.83
CA GLY A 278 -13.56 14.01 -2.20
C GLY A 278 -12.23 14.54 -2.67
N ALA A 279 -11.72 15.51 -1.95
CA ALA A 279 -10.53 16.28 -2.31
C ALA A 279 -9.24 15.43 -2.21
N ASP A 280 -8.26 15.73 -3.04
CA ASP A 280 -7.00 15.00 -3.11
C ASP A 280 -5.98 15.64 -2.17
N PRO A 281 -5.44 14.88 -1.21
CA PRO A 281 -4.53 15.46 -0.24
C PRO A 281 -3.31 16.13 -0.86
N ASP A 282 -2.83 15.61 -1.99
CA ASP A 282 -1.63 16.15 -2.64
C ASP A 282 -1.85 17.55 -3.26
N ASN A 283 -3.09 17.91 -3.54
CA ASN A 283 -3.42 19.15 -4.22
C ASN A 283 -4.62 19.85 -3.56
N PHE A 284 -4.63 19.89 -2.22
CA PHE A 284 -5.77 20.49 -1.48
C PHE A 284 -5.33 21.00 -0.11
N PHE A 285 -5.35 22.33 0.07
CA PHE A 285 -4.88 22.92 1.30
C PHE A 285 -5.42 24.32 1.47
N PRO A 286 -6.73 24.46 1.30
CA PRO A 286 -7.29 25.82 1.50
C PRO A 286 -6.93 26.36 2.88
N GLY A 287 -6.71 27.66 2.95
CA GLY A 287 -6.33 28.35 4.20
C GLY A 287 -4.85 28.38 4.49
N GLY A 288 -4.03 27.70 3.67
CA GLY A 288 -2.58 27.59 3.91
C GLY A 288 -1.89 28.92 3.87
N GLU A 289 -0.94 29.14 4.79
CA GLU A 289 -0.40 30.49 5.10
C GLU A 289 1.17 30.55 5.16
N TYR B 13 3.44 -20.50 -22.65
CA TYR B 13 2.94 -20.46 -21.24
C TYR B 13 2.53 -19.03 -20.81
N ASN B 14 2.27 -18.83 -19.51
CA ASN B 14 1.62 -17.61 -19.07
C ASN B 14 2.55 -16.36 -19.08
N CYS B 15 1.96 -15.21 -19.42
CA CYS B 15 2.68 -13.96 -19.60
C CYS B 15 1.94 -12.90 -18.78
N VAL B 16 2.63 -11.81 -18.43
CA VAL B 16 2.05 -10.66 -17.74
C VAL B 16 2.16 -9.45 -18.69
N THR B 17 1.13 -8.61 -18.75
CA THR B 17 1.10 -7.50 -19.71
C THR B 17 1.52 -6.18 -19.08
N LEU B 18 2.52 -5.54 -19.65
CA LEU B 18 3.00 -4.30 -19.07
C LEU B 18 2.15 -3.15 -19.60
N HIS B 19 2.31 -1.95 -19.03
CA HIS B 19 1.41 -0.85 -19.35
C HIS B 19 1.62 -0.30 -20.75
N ASN B 20 2.65 -0.75 -21.44
CA ASN B 20 2.78 -0.51 -22.89
C ASN B 20 2.34 -1.69 -23.77
N SER B 21 1.64 -2.67 -23.18
CA SER B 21 1.10 -3.86 -23.88
C SER B 21 2.07 -4.97 -24.21
N VAL B 22 3.34 -4.74 -23.94
CA VAL B 22 4.34 -5.77 -24.13
C VAL B 22 4.07 -6.87 -23.12
N ARG B 23 4.22 -8.12 -23.59
CA ARG B 23 3.85 -9.30 -22.84
C ARG B 23 5.17 -9.92 -22.32
N MET B 24 5.30 -10.06 -21.00
CA MET B 24 6.55 -10.49 -20.33
C MET B 24 6.37 -11.87 -19.70
N PRO B 25 7.18 -12.88 -20.12
CA PRO B 25 6.86 -14.22 -19.63
C PRO B 25 6.93 -14.26 -18.11
N GLN B 26 5.95 -14.93 -17.51
CA GLN B 26 5.81 -14.90 -16.08
C GLN B 26 6.87 -15.71 -15.29
N LEU B 27 7.47 -16.72 -15.92
CA LEU B 27 8.49 -17.52 -15.25
C LEU B 27 9.79 -17.31 -15.96
N GLY B 28 10.85 -17.00 -15.23
CA GLY B 28 12.18 -16.79 -15.83
C GLY B 28 13.26 -17.42 -15.01
N LEU B 29 14.45 -17.54 -15.59
CA LEU B 29 15.63 -18.03 -14.87
C LEU B 29 16.41 -16.84 -14.36
N GLY B 30 16.61 -16.77 -13.05
CA GLY B 30 17.60 -15.88 -12.47
C GLY B 30 18.99 -16.50 -12.60
N VAL B 31 19.95 -15.71 -13.10
CA VAL B 31 21.34 -16.15 -13.17
C VAL B 31 22.24 -15.43 -12.15
N TRP B 32 21.61 -14.68 -11.25
CA TRP B 32 22.31 -14.13 -10.11
C TRP B 32 23.04 -15.23 -9.37
N ARG B 33 24.31 -14.97 -9.04
CA ARG B 33 25.20 -15.88 -8.29
C ARG B 33 25.80 -17.03 -9.17
N ALA B 34 25.54 -17.04 -10.47
CA ALA B 34 26.12 -18.06 -11.35
C ALA B 34 27.46 -17.58 -11.89
N GLN B 35 28.49 -18.43 -11.86
CA GLN B 35 29.81 -18.06 -12.40
C GLN B 35 29.68 -17.90 -13.91
N ASP B 36 30.44 -16.96 -14.47
CA ASP B 36 30.48 -16.66 -15.89
C ASP B 36 31.09 -17.83 -16.66
N GLY B 37 30.75 -17.89 -17.95
CA GLY B 37 31.21 -18.95 -18.83
C GLY B 37 30.28 -20.13 -18.70
N ALA B 38 30.88 -21.31 -18.61
CA ALA B 38 30.18 -22.58 -18.66
C ALA B 38 28.97 -22.60 -17.74
N GLU B 39 29.17 -22.29 -16.46
CA GLU B 39 28.10 -22.43 -15.47
C GLU B 39 26.81 -21.74 -15.92
N THR B 40 26.92 -20.49 -16.37
CA THR B 40 25.76 -19.71 -16.83
C THR B 40 25.23 -20.20 -18.18
N ALA B 41 26.12 -20.34 -19.16
CA ALA B 41 25.75 -20.84 -20.48
C ALA B 41 24.93 -22.09 -20.36
N ASN B 42 25.41 -23.00 -19.55
CA ASN B 42 24.70 -24.21 -19.29
C ASN B 42 23.35 -23.93 -18.66
N ALA B 43 23.33 -23.13 -17.61
CA ALA B 43 22.08 -22.84 -16.95
C ALA B 43 21.06 -22.23 -17.94
N VAL B 44 21.50 -21.27 -18.72
CA VAL B 44 20.63 -20.61 -19.66
C VAL B 44 20.17 -21.59 -20.74
N ARG B 45 21.09 -22.41 -21.25
CA ARG B 45 20.77 -23.34 -22.32
C ARG B 45 19.83 -24.39 -21.80
N TRP B 46 20.09 -24.86 -20.59
CA TRP B 46 19.21 -25.84 -20.00
C TRP B 46 17.83 -25.25 -19.77
N ALA B 47 17.75 -23.95 -19.41
CA ALA B 47 16.44 -23.32 -19.15
C ALA B 47 15.63 -23.26 -20.46
N ILE B 48 16.31 -22.82 -21.51
CA ILE B 48 15.66 -22.64 -22.80
C ILE B 48 15.25 -23.96 -23.40
N GLU B 49 16.09 -24.96 -23.26
CA GLU B 49 15.72 -26.34 -23.58
C GLU B 49 14.47 -26.78 -22.82
N ALA B 50 14.40 -26.51 -21.53
CA ALA B 50 13.25 -26.93 -20.70
C ALA B 50 11.98 -26.15 -21.03
N GLY B 51 12.14 -24.98 -21.67
CA GLY B 51 11.00 -24.15 -22.09
C GLY B 51 10.99 -22.72 -21.56
N TYR B 52 11.89 -22.37 -20.63
CA TYR B 52 11.97 -21.02 -20.17
C TYR B 52 12.18 -20.11 -21.35
N ARG B 53 11.56 -18.94 -21.34
CA ARG B 53 11.74 -17.96 -22.41
C ARG B 53 12.00 -16.60 -21.85
N HIS B 54 12.73 -16.57 -20.76
CA HIS B 54 12.98 -15.36 -19.98
C HIS B 54 14.21 -15.59 -19.14
N ILE B 55 15.27 -14.82 -19.37
CA ILE B 55 16.47 -14.89 -18.56
C ILE B 55 16.71 -13.55 -17.91
N ASP B 56 17.06 -13.53 -16.62
CA ASP B 56 17.24 -12.29 -15.90
C ASP B 56 18.67 -12.20 -15.40
N THR B 57 19.36 -11.15 -15.80
CA THR B 57 20.73 -10.97 -15.44
C THR B 57 20.97 -9.53 -15.04
N ALA B 58 22.22 -9.21 -14.80
CA ALA B 58 22.58 -7.89 -14.29
C ALA B 58 24.07 -7.69 -14.48
N TYR B 59 24.45 -6.49 -14.87
CA TYR B 59 25.85 -6.16 -15.10
C TYR B 59 26.68 -6.71 -13.94
N ILE B 60 26.25 -6.41 -12.73
CA ILE B 60 27.01 -6.72 -11.55
C ILE B 60 27.18 -8.20 -11.30
N TYR B 61 26.34 -9.06 -11.89
CA TYR B 61 26.55 -10.51 -11.74
C TYR B 61 27.78 -10.95 -12.55
N SER B 62 28.30 -10.04 -13.39
CA SER B 62 29.46 -10.30 -14.21
C SER B 62 29.28 -11.63 -14.99
N ASN B 63 28.09 -11.88 -15.53
CA ASN B 63 27.85 -13.08 -16.35
C ASN B 63 27.04 -12.85 -17.62
N GLU B 64 27.07 -11.63 -18.13
CA GLU B 64 26.34 -11.32 -19.34
C GLU B 64 26.84 -12.08 -20.59
N ARG B 65 28.15 -12.34 -20.67
CA ARG B 65 28.74 -13.09 -21.80
C ARG B 65 28.14 -14.48 -21.82
N GLY B 66 28.19 -15.14 -20.66
CA GLY B 66 27.67 -16.49 -20.52
C GLY B 66 26.23 -16.58 -20.93
N VAL B 67 25.40 -15.62 -20.50
CA VAL B 67 23.95 -15.57 -20.84
C VAL B 67 23.81 -15.56 -22.35
N GLY B 68 24.53 -14.64 -23.00
CA GLY B 68 24.52 -14.57 -24.46
C GLY B 68 24.94 -15.88 -25.11
N GLN B 69 25.90 -16.56 -24.50
CA GLN B 69 26.39 -17.83 -25.07
C GLN B 69 25.29 -18.83 -25.00
N GLY B 70 24.67 -18.95 -23.83
CA GLY B 70 23.61 -19.93 -23.65
C GLY B 70 22.49 -19.71 -24.64
N ILE B 71 22.09 -18.45 -24.85
CA ILE B 71 21.04 -18.14 -25.81
C ILE B 71 21.38 -18.55 -27.23
N ARG B 72 22.57 -18.17 -27.68
CA ARG B 72 23.00 -18.52 -29.02
C ARG B 72 23.12 -20.04 -29.16
N GLU B 73 23.62 -20.71 -28.13
CA GLU B 73 23.76 -22.18 -28.18
C GLU B 73 22.43 -22.92 -28.30
N SER B 74 21.43 -22.45 -27.57
CA SER B 74 20.09 -23.08 -27.51
C SER B 74 19.46 -23.15 -28.87
N GLY B 75 19.86 -22.22 -29.73
CA GLY B 75 19.40 -22.22 -31.13
C GLY B 75 18.06 -21.52 -31.32
N VAL B 76 17.53 -20.98 -30.22
CA VAL B 76 16.21 -20.44 -30.23
C VAL B 76 16.28 -19.02 -30.74
N PRO B 77 15.33 -18.66 -31.62
CA PRO B 77 15.36 -17.35 -32.21
C PRO B 77 15.29 -16.26 -31.16
N ARG B 78 16.04 -15.20 -31.39
CA ARG B 78 16.15 -14.10 -30.42
C ARG B 78 14.80 -13.57 -29.96
N GLU B 79 13.92 -13.29 -30.92
CA GLU B 79 12.64 -12.64 -30.62
C GLU B 79 11.68 -13.52 -29.74
N GLU B 80 11.97 -14.83 -29.65
CA GLU B 80 11.18 -15.71 -28.77
C GLU B 80 11.66 -15.72 -27.30
N VAL B 81 12.77 -15.03 -26.98
CA VAL B 81 13.34 -14.99 -25.61
C VAL B 81 13.35 -13.59 -25.05
N TRP B 82 13.08 -13.49 -23.76
CA TRP B 82 13.08 -12.23 -23.06
C TRP B 82 14.34 -12.11 -22.24
N VAL B 83 15.08 -11.04 -22.39
CA VAL B 83 16.28 -10.85 -21.61
C VAL B 83 16.19 -9.58 -20.81
N THR B 84 16.36 -9.69 -19.49
CA THR B 84 16.38 -8.54 -18.60
C THR B 84 17.81 -8.34 -18.11
N THR B 85 18.30 -7.11 -18.11
CA THR B 85 19.52 -6.78 -17.40
C THR B 85 19.38 -5.40 -16.74
N LYS B 86 20.39 -4.99 -15.99
CA LYS B 86 20.26 -3.90 -15.03
C LYS B 86 21.49 -3.00 -14.99
N VAL B 87 21.27 -1.70 -14.76
CA VAL B 87 22.36 -0.72 -14.56
C VAL B 87 22.83 -0.67 -13.11
N TRP B 88 24.08 -1.02 -12.87
CA TRP B 88 24.63 -1.01 -11.52
C TRP B 88 24.74 0.36 -10.89
N ASN B 89 24.80 0.40 -9.57
CA ASN B 89 24.81 1.63 -8.80
C ASN B 89 25.92 2.58 -9.22
N SER B 90 27.12 2.05 -9.41
CA SER B 90 28.25 2.88 -9.81
C SER B 90 28.13 3.53 -11.20
N ASP B 91 27.18 3.09 -12.02
CA ASP B 91 27.04 3.65 -13.38
C ASP B 91 25.79 4.46 -13.49
N GLN B 92 25.26 4.90 -12.36
CA GLN B 92 24.09 5.74 -12.38
C GLN B 92 24.46 7.17 -12.85
N GLY B 93 23.47 7.89 -13.36
CA GLY B 93 23.66 9.19 -14.02
C GLY B 93 23.44 9.02 -15.50
N TYR B 94 22.92 10.06 -16.15
CA TYR B 94 22.47 10.00 -17.56
C TYR B 94 23.50 9.39 -18.52
N GLU B 95 24.65 10.04 -18.64
CA GLU B 95 25.65 9.62 -19.64
C GLU B 95 26.30 8.29 -19.22
N LYS B 96 26.56 8.15 -17.92
CA LYS B 96 27.14 6.93 -17.37
C LYS B 96 26.25 5.70 -17.57
N THR B 97 24.94 5.92 -17.39
CA THR B 97 23.93 4.87 -17.58
C THR B 97 23.83 4.50 -19.05
N LEU B 98 23.83 5.49 -19.93
CA LEU B 98 23.88 5.25 -21.40
C LEU B 98 25.07 4.37 -21.81
N ALA B 99 26.22 4.65 -21.20
CA ALA B 99 27.45 3.88 -21.43
C ALA B 99 27.31 2.45 -20.90
N ALA B 100 26.72 2.28 -19.72
CA ALA B 100 26.60 0.93 -19.17
C ALA B 100 25.72 0.09 -20.05
N PHE B 101 24.72 0.71 -20.66
CA PHE B 101 23.81 -0.04 -21.49
C PHE B 101 24.53 -0.69 -22.65
N GLU B 102 25.40 0.08 -23.28
CA GLU B 102 26.17 -0.39 -24.44
C GLU B 102 27.08 -1.52 -24.04
N ARG B 103 27.79 -1.34 -22.94
CA ARG B 103 28.69 -2.35 -22.44
C ARG B 103 27.96 -3.67 -22.23
N SER B 104 26.76 -3.58 -21.66
CA SER B 104 25.90 -4.74 -21.45
C SER B 104 25.45 -5.33 -22.79
N ARG B 105 25.00 -4.48 -23.68
CA ARG B 105 24.53 -4.94 -24.98
C ARG B 105 25.63 -5.73 -25.69
N GLU B 106 26.81 -5.12 -25.76
CA GLU B 106 27.94 -5.74 -26.43
C GLU B 106 28.29 -7.03 -25.72
N LEU B 107 28.27 -7.03 -24.38
CA LEU B 107 28.57 -8.29 -23.68
C LEU B 107 27.52 -9.40 -23.94
N LEU B 108 26.24 -9.05 -24.00
CA LEU B 108 25.18 -10.06 -24.29
C LEU B 108 25.17 -10.47 -25.76
N GLY B 109 25.75 -9.65 -26.61
CA GLY B 109 25.82 -9.98 -28.03
C GLY B 109 24.48 -9.74 -28.65
N LEU B 110 23.78 -8.71 -28.16
CA LEU B 110 22.41 -8.50 -28.56
C LEU B 110 22.27 -7.20 -29.32
N GLU B 111 21.29 -7.15 -30.24
CA GLU B 111 20.98 -5.90 -30.96
C GLU B 111 20.04 -5.00 -30.11
N TYR B 112 19.22 -5.64 -29.29
CA TYR B 112 18.36 -4.95 -28.30
C TYR B 112 18.17 -5.79 -27.04
N ILE B 113 17.69 -5.15 -25.98
CA ILE B 113 17.44 -5.81 -24.72
C ILE B 113 15.96 -5.64 -24.40
N ASP B 114 15.29 -6.69 -23.90
CA ASP B 114 13.85 -6.62 -23.71
C ASP B 114 13.46 -5.69 -22.54
N LEU B 115 14.20 -5.77 -21.43
CA LEU B 115 13.90 -4.98 -20.23
C LEU B 115 15.19 -4.51 -19.59
N TYR B 116 15.29 -3.22 -19.27
CA TYR B 116 16.45 -2.71 -18.55
C TYR B 116 15.95 -2.04 -17.28
N LEU B 117 16.54 -2.39 -16.13
CA LEU B 117 16.11 -1.89 -14.81
C LEU B 117 17.17 -1.07 -14.07
N ILE B 118 16.73 -0.13 -13.24
CA ILE B 118 17.61 0.44 -12.23
C ILE B 118 17.76 -0.54 -11.09
N HIS B 119 18.99 -0.93 -10.79
CA HIS B 119 19.22 -2.04 -9.87
C HIS B 119 18.89 -1.71 -8.42
N TRP B 120 19.35 -0.57 -7.96
CA TRP B 120 18.98 -0.04 -6.64
C TRP B 120 18.69 1.40 -6.80
N PRO B 121 17.79 1.95 -5.96
CA PRO B 121 17.46 3.38 -6.07
C PRO B 121 18.60 4.30 -5.61
N GLY B 122 19.13 4.07 -4.42
CA GLY B 122 20.09 5.02 -3.81
C GLY B 122 19.29 6.18 -3.26
N LYS B 123 19.85 7.38 -3.40
CA LYS B 123 19.22 8.61 -2.94
C LYS B 123 19.39 9.76 -3.98
N LYS B 124 20.59 10.00 -4.50
CA LYS B 124 20.82 11.23 -5.30
C LYS B 124 20.61 11.12 -6.84
N LYS B 125 20.79 9.95 -7.44
CA LYS B 125 20.97 9.86 -8.90
C LYS B 125 19.89 9.10 -9.70
N PHE B 126 18.89 8.54 -9.05
CA PHE B 126 18.00 7.67 -9.76
C PHE B 126 17.06 8.37 -10.78
N VAL B 127 16.64 9.60 -10.48
CA VAL B 127 15.81 10.37 -11.42
C VAL B 127 16.57 10.60 -12.74
N ASP B 128 17.84 10.98 -12.61
CA ASP B 128 18.75 11.21 -13.72
C ASP B 128 18.92 9.92 -14.53
N THR B 129 19.18 8.82 -13.82
CA THR B 129 19.29 7.49 -14.44
C THR B 129 18.02 7.13 -15.21
N TRP B 130 16.87 7.41 -14.63
CA TRP B 130 15.62 7.08 -15.29
C TRP B 130 15.45 7.82 -16.60
N LYS B 131 15.91 9.07 -16.66
CA LYS B 131 15.87 9.84 -17.90
C LYS B 131 16.64 9.08 -19.02
N ALA B 132 17.78 8.45 -18.70
CA ALA B 132 18.53 7.65 -19.68
C ALA B 132 17.72 6.43 -20.17
N LEU B 133 16.94 5.82 -19.28
CA LEU B 133 16.15 4.65 -19.69
C LEU B 133 15.04 5.06 -20.68
N GLU B 134 14.44 6.21 -20.41
CA GLU B 134 13.46 6.82 -21.31
C GLU B 134 14.07 7.05 -22.70
N LYS B 135 15.33 7.48 -22.76
CA LYS B 135 15.99 7.73 -24.05
C LYS B 135 16.17 6.42 -24.83
N LEU B 136 16.63 5.38 -24.13
CA LEU B 136 16.89 4.07 -24.75
C LEU B 136 15.59 3.47 -25.25
N TYR B 137 14.52 3.74 -24.51
CA TYR B 137 13.18 3.29 -24.90
C TYR B 137 12.73 4.05 -26.15
N GLU B 138 12.98 5.36 -26.19
CA GLU B 138 12.61 6.20 -27.35
C GLU B 138 13.42 5.80 -28.57
N GLU B 139 14.69 5.46 -28.35
CA GLU B 139 15.57 4.96 -29.43
C GLU B 139 15.29 3.51 -29.86
N LYS B 140 14.29 2.87 -29.26
CA LYS B 140 13.89 1.49 -29.62
C LYS B 140 15.00 0.47 -29.34
N LYS B 141 15.93 0.80 -28.44
CA LYS B 141 16.97 -0.15 -28.04
C LYS B 141 16.50 -1.10 -26.91
N VAL B 142 15.44 -0.73 -26.20
CA VAL B 142 14.85 -1.58 -25.15
C VAL B 142 13.35 -1.61 -25.37
N ARG B 143 12.73 -2.75 -25.09
CA ARG B 143 11.30 -2.87 -25.26
C ARG B 143 10.50 -2.46 -24.05
N ALA B 144 11.16 -2.43 -22.88
CA ALA B 144 10.54 -2.03 -21.63
C ALA B 144 11.57 -1.52 -20.64
N ILE B 145 11.12 -0.68 -19.70
CA ILE B 145 11.99 -0.09 -18.70
C ILE B 145 11.29 -0.15 -17.35
N GLY B 146 12.08 -0.33 -16.32
CA GLY B 146 11.58 -0.49 -14.97
C GLY B 146 12.69 -0.30 -13.98
N VAL B 147 12.40 -0.65 -12.72
CA VAL B 147 13.28 -0.40 -11.58
C VAL B 147 13.36 -1.64 -10.71
N SER B 148 14.25 -1.63 -9.74
CA SER B 148 14.41 -2.77 -8.86
C SER B 148 14.77 -2.33 -7.45
N ASN B 149 14.19 -3.03 -6.48
CA ASN B 149 14.30 -2.65 -5.06
C ASN B 149 13.81 -1.24 -4.79
N PHE B 150 12.85 -0.77 -5.60
CA PHE B 150 12.22 0.51 -5.31
C PHE B 150 11.04 0.36 -4.37
N GLU B 151 10.92 1.36 -3.52
CA GLU B 151 9.96 1.43 -2.44
C GLU B 151 8.91 2.44 -2.96
N PRO B 152 7.71 2.42 -2.39
CA PRO B 152 6.71 3.36 -2.91
C PRO B 152 7.17 4.81 -2.89
N HIS B 153 7.89 5.23 -1.86
CA HIS B 153 8.36 6.64 -1.83
C HIS B 153 9.30 6.92 -2.95
N HIS B 154 10.18 6.00 -3.30
CA HIS B 154 11.06 6.24 -4.44
C HIS B 154 10.24 6.43 -5.68
N LEU B 155 9.27 5.53 -5.85
CA LEU B 155 8.43 5.57 -7.01
C LEU B 155 7.60 6.84 -7.03
N THR B 156 7.04 7.22 -5.88
CA THR B 156 6.31 8.48 -5.82
C THR B 156 7.24 9.66 -6.15
N GLU B 157 8.50 9.60 -5.73
CA GLU B 157 9.45 10.68 -6.01
C GLU B 157 9.73 10.71 -7.49
N LEU B 158 10.01 9.54 -8.05
CA LEU B 158 10.24 9.43 -9.49
C LEU B 158 9.03 9.90 -10.29
N PHE B 159 7.82 9.61 -9.82
CA PHE B 159 6.63 10.01 -10.58
C PHE B 159 6.61 11.52 -10.80
N LYS B 160 7.24 12.30 -9.92
CA LYS B 160 7.17 13.76 -10.07
C LYS B 160 7.91 14.26 -11.32
N SER B 161 8.89 13.51 -11.82
CA SER B 161 9.75 14.02 -12.90
C SER B 161 9.80 13.25 -14.21
N CYS B 162 8.90 12.32 -14.47
CA CYS B 162 9.14 11.40 -15.59
C CYS B 162 8.08 11.46 -16.68
N LYS B 163 8.47 11.10 -17.91
CA LYS B 163 7.52 11.05 -19.03
C LYS B 163 6.89 9.65 -19.08
N ILE B 164 7.70 8.59 -19.20
CA ILE B 164 7.19 7.20 -19.10
C ILE B 164 7.38 6.67 -17.67
N ARG B 165 6.30 6.16 -17.07
CA ARG B 165 6.34 5.59 -15.71
C ARG B 165 6.91 4.16 -15.78
N PRO B 166 7.67 3.75 -14.75
CA PRO B 166 8.21 2.40 -14.70
C PRO B 166 7.20 1.29 -15.03
N MET B 167 7.68 0.19 -15.62
CA MET B 167 6.78 -0.89 -16.04
C MET B 167 6.92 -2.13 -15.16
N VAL B 168 8.10 -2.27 -14.55
CA VAL B 168 8.38 -3.43 -13.72
C VAL B 168 9.06 -2.90 -12.47
N ASN B 169 8.87 -3.56 -11.34
CA ASN B 169 9.67 -3.32 -10.16
C ASN B 169 10.06 -4.68 -9.60
N GLN B 170 11.34 -5.02 -9.66
CA GLN B 170 11.82 -6.35 -9.25
C GLN B 170 12.36 -6.23 -7.83
N VAL B 171 11.72 -6.92 -6.89
CA VAL B 171 11.99 -6.76 -5.46
C VAL B 171 12.04 -8.09 -4.71
N GLU B 172 12.60 -8.06 -3.50
CA GLU B 172 12.57 -9.27 -2.69
C GLU B 172 11.08 -9.62 -2.42
N LEU B 173 10.68 -10.85 -2.70
CA LEU B 173 9.34 -11.26 -2.39
C LEU B 173 9.30 -12.73 -2.25
N HIS B 174 8.80 -13.21 -1.12
CA HIS B 174 8.69 -14.65 -0.88
C HIS B 174 7.71 -14.82 0.26
N PRO B 175 7.37 -16.07 0.61
CA PRO B 175 6.27 -16.20 1.55
C PRO B 175 6.46 -15.59 2.95
N LEU B 176 7.70 -15.33 3.37
CA LEU B 176 7.93 -14.69 4.69
C LEU B 176 8.02 -13.19 4.56
N PHE B 177 8.19 -12.71 3.32
CA PHE B 177 8.27 -11.27 3.02
C PHE B 177 7.39 -10.94 1.82
N GLN B 178 6.10 -10.74 2.09
CA GLN B 178 5.10 -10.70 1.02
C GLN B 178 4.84 -9.32 0.40
N GLN B 179 5.46 -8.27 0.92
CA GLN B 179 5.46 -6.94 0.29
C GLN B 179 4.04 -6.43 -0.01
N ARG B 180 3.12 -6.62 0.90
CA ARG B 180 1.73 -6.21 0.65
C ARG B 180 1.55 -4.73 0.28
N THR B 181 2.18 -3.82 1.03
CA THR B 181 2.06 -2.41 0.69
C THR B 181 2.43 -2.20 -0.79
N LEU B 182 3.63 -2.65 -1.18
CA LEU B 182 4.19 -2.31 -2.52
C LEU B 182 3.35 -2.95 -3.61
N ARG B 183 2.92 -4.17 -3.35
CA ARG B 183 2.01 -4.88 -4.23
CA ARG B 183 2.04 -4.87 -4.27
C ARG B 183 0.76 -4.08 -4.51
N GLU B 184 0.15 -3.52 -3.46
CA GLU B 184 -1.03 -2.68 -3.68
C GLU B 184 -0.66 -1.37 -4.37
N PHE B 185 0.49 -0.81 -4.05
CA PHE B 185 0.93 0.40 -4.74
C PHE B 185 1.12 0.10 -6.22
N CYS B 186 1.61 -1.08 -6.52
CA CYS B 186 1.91 -1.41 -7.90
C CYS B 186 0.65 -1.83 -8.63
N LYS B 187 -0.22 -2.60 -7.98
CA LYS B 187 -1.50 -2.95 -8.64
C LYS B 187 -2.21 -1.63 -9.05
N GLN B 188 -2.08 -0.60 -8.24
CA GLN B 188 -2.77 0.67 -8.44
C GLN B 188 -2.17 1.57 -9.53
N HIS B 189 -0.86 1.48 -9.75
CA HIS B 189 -0.21 2.30 -10.80
C HIS B 189 0.21 1.49 -12.02
N ASN B 190 -0.43 0.34 -12.21
CA ASN B 190 -0.17 -0.52 -13.40
C ASN B 190 1.32 -0.85 -13.56
N ILE B 191 2.00 -1.26 -12.46
CA ILE B 191 3.42 -1.69 -12.48
C ILE B 191 3.48 -3.18 -12.11
N ALA B 192 4.10 -3.98 -12.96
CA ALA B 192 4.24 -5.41 -12.71
C ALA B 192 5.37 -5.66 -11.67
N ILE B 193 5.11 -6.52 -10.69
CA ILE B 193 6.16 -6.90 -9.75
C ILE B 193 6.87 -8.14 -10.20
N THR B 194 8.20 -8.14 -10.12
CA THR B 194 8.97 -9.38 -10.24
C THR B 194 9.57 -9.74 -8.87
N ALA B 195 9.46 -11.01 -8.47
CA ALA B 195 10.06 -11.48 -7.23
C ALA B 195 11.48 -12.00 -7.37
N TRP B 196 12.44 -11.41 -6.63
CA TRP B 196 13.67 -12.13 -6.38
C TRP B 196 13.68 -12.77 -5.01
N SER B 197 14.53 -13.79 -4.93
CA SER B 197 14.59 -14.77 -3.89
C SER B 197 13.24 -15.27 -3.59
N PRO B 198 12.48 -15.71 -4.64
CA PRO B 198 11.12 -16.18 -4.44
C PRO B 198 11.03 -17.46 -3.65
N LEU B 199 12.16 -18.17 -3.52
CA LEU B 199 12.27 -19.37 -2.66
C LEU B 199 13.14 -19.13 -1.41
N GLY B 200 13.69 -17.93 -1.23
CA GLY B 200 14.63 -17.64 -0.13
C GLY B 200 16.08 -17.50 -0.60
N SER B 201 16.99 -17.13 0.30
CA SER B 201 18.37 -16.84 -0.11
C SER B 201 19.17 -18.13 -0.28
N ILE B 207 13.14 -21.55 4.62
CA ILE B 207 11.79 -21.25 4.12
C ILE B 207 11.13 -22.46 3.43
N LEU B 208 11.91 -23.23 2.65
CA LEU B 208 11.40 -24.40 1.91
C LEU B 208 11.26 -25.69 2.74
N LYS B 209 11.80 -25.73 3.96
CA LYS B 209 11.58 -26.90 4.84
C LYS B 209 10.42 -26.62 5.83
N ASN B 210 9.47 -25.77 5.42
CA ASN B 210 8.33 -25.35 6.24
C ASN B 210 7.18 -26.37 6.20
N HIS B 211 6.49 -26.57 7.31
CA HIS B 211 5.48 -27.64 7.41
C HIS B 211 4.28 -27.49 6.48
N VAL B 212 3.79 -26.26 6.30
CA VAL B 212 2.61 -25.99 5.43
C VAL B 212 2.90 -26.20 3.95
N LEU B 213 4.03 -25.68 3.52
CA LEU B 213 4.47 -25.89 2.16
C LEU B 213 4.70 -27.38 1.93
N GLY B 214 5.20 -28.07 2.97
CA GLY B 214 5.39 -29.50 2.91
C GLY B 214 4.09 -30.23 2.62
N GLU B 215 3.03 -29.91 3.36
CA GLU B 215 1.72 -30.57 3.19
C GLU B 215 1.07 -30.24 1.83
N ILE B 216 1.21 -29.00 1.38
CA ILE B 216 0.64 -28.65 0.06
C ILE B 216 1.45 -29.33 -1.06
N ALA B 217 2.77 -29.33 -0.92
CA ALA B 217 3.66 -30.02 -1.85
C ALA B 217 3.33 -31.50 -1.91
N LYS B 218 3.22 -32.15 -0.74
CA LYS B 218 2.91 -33.61 -0.73
C LYS B 218 1.52 -33.85 -1.35
N LYS B 219 0.52 -33.01 -1.03
CA LYS B 219 -0.84 -33.20 -1.61
C LYS B 219 -0.87 -33.19 -3.14
N HIS B 220 -0.05 -32.35 -3.80
CA HIS B 220 -0.01 -32.23 -5.28
C HIS B 220 1.07 -33.02 -5.95
N ASN B 221 1.81 -33.79 -5.17
CA ASN B 221 2.97 -34.56 -5.69
C ASN B 221 3.97 -33.64 -6.36
N LYS B 222 4.25 -32.50 -5.72
CA LYS B 222 5.26 -31.54 -6.15
C LYS B 222 6.20 -31.20 -4.98
N SER B 223 7.24 -30.40 -5.25
CA SER B 223 8.18 -30.02 -4.20
C SER B 223 7.79 -28.67 -3.61
N PRO B 224 8.31 -28.34 -2.43
CA PRO B 224 7.92 -27.05 -1.87
C PRO B 224 8.30 -25.86 -2.74
N ALA B 225 9.38 -25.99 -3.50
CA ALA B 225 9.82 -24.89 -4.33
C ALA B 225 8.87 -24.76 -5.51
N GLN B 226 8.40 -25.88 -6.06
CA GLN B 226 7.39 -25.81 -7.13
C GLN B 226 6.12 -25.09 -6.66
N VAL B 227 5.74 -25.31 -5.40
CA VAL B 227 4.54 -24.71 -4.85
C VAL B 227 4.65 -23.18 -4.72
N VAL B 228 5.73 -22.72 -4.09
CA VAL B 228 5.98 -21.27 -3.99
C VAL B 228 5.95 -20.59 -5.38
N ILE B 229 6.59 -21.21 -6.37
CA ILE B 229 6.59 -20.64 -7.71
C ILE B 229 5.17 -20.52 -8.19
N ARG B 230 4.41 -21.59 -8.03
CA ARG B 230 2.99 -21.60 -8.44
C ARG B 230 2.22 -20.51 -7.71
N TRP B 231 2.48 -20.38 -6.42
CA TRP B 231 1.88 -19.33 -5.61
C TRP B 231 2.20 -17.96 -6.18
N ASP B 232 3.43 -17.76 -6.62
CA ASP B 232 3.76 -16.52 -7.32
C ASP B 232 2.87 -16.36 -8.55
N ILE B 233 2.80 -17.42 -9.35
CA ILE B 233 2.14 -17.33 -10.63
C ILE B 233 0.70 -16.88 -10.36
N GLN B 234 0.04 -17.48 -9.36
CA GLN B 234 -1.41 -17.24 -9.20
C GLN B 234 -1.67 -15.90 -8.53
N HIS B 235 -0.65 -15.27 -7.97
CA HIS B 235 -0.78 -13.88 -7.53
C HIS B 235 -0.47 -12.90 -8.61
N GLY B 236 -0.23 -13.38 -9.83
CA GLY B 236 0.11 -12.52 -10.95
C GLY B 236 1.46 -11.83 -10.89
N ILE B 237 2.38 -12.37 -10.09
CA ILE B 237 3.76 -11.89 -9.89
C ILE B 237 4.68 -12.62 -10.88
N VAL B 238 5.65 -11.92 -11.43
CA VAL B 238 6.63 -12.54 -12.28
C VAL B 238 7.69 -13.17 -11.37
N THR B 239 8.14 -14.36 -11.72
CA THR B 239 9.05 -15.04 -10.83
C THR B 239 10.29 -15.58 -11.57
N ILE B 240 11.47 -15.33 -10.97
CA ILE B 240 12.80 -15.57 -11.59
C ILE B 240 13.74 -16.40 -10.69
N PRO B 241 13.27 -17.59 -10.33
CA PRO B 241 14.07 -18.50 -9.52
C PRO B 241 15.40 -18.83 -10.16
N LYS B 242 16.46 -18.78 -9.34
CA LYS B 242 17.81 -18.95 -9.80
C LYS B 242 18.28 -20.34 -9.41
N SER B 243 18.92 -21.01 -10.35
CA SER B 243 19.65 -22.22 -10.09
C SER B 243 20.61 -22.44 -11.23
N THR B 244 21.76 -23.03 -10.90
CA THR B 244 22.73 -23.44 -11.91
C THR B 244 22.72 -24.96 -12.12
N ASN B 245 21.79 -25.68 -11.48
CA ASN B 245 21.66 -27.15 -11.54
C ASN B 245 20.60 -27.64 -12.52
N LYS B 246 21.01 -28.46 -13.47
CA LYS B 246 20.10 -28.89 -14.55
C LYS B 246 18.75 -29.44 -14.05
N GLY B 247 18.79 -30.29 -13.02
CA GLY B 247 17.59 -30.96 -12.52
C GLY B 247 16.67 -29.98 -11.84
N ARG B 248 17.25 -29.18 -10.94
CA ARG B 248 16.48 -28.15 -10.22
C ARG B 248 15.89 -27.15 -11.24
N ILE B 249 16.69 -26.73 -12.22
CA ILE B 249 16.21 -25.82 -13.28
C ILE B 249 14.96 -26.40 -13.95
N GLN B 250 14.99 -27.69 -14.23
CA GLN B 250 13.86 -28.37 -14.85
C GLN B 250 12.68 -28.47 -13.90
N GLU B 251 12.95 -28.66 -12.62
CA GLU B 251 11.89 -28.80 -11.65
C GLU B 251 11.18 -27.47 -11.50
N ASN B 252 11.94 -26.39 -11.37
CA ASN B 252 11.33 -25.06 -11.20
C ASN B 252 10.40 -24.63 -12.36
N PHE B 253 10.56 -25.26 -13.53
CA PHE B 253 9.67 -25.03 -14.67
C PHE B 253 8.41 -25.91 -14.71
N ASN B 254 8.37 -26.99 -13.94
CA ASN B 254 7.27 -27.95 -14.05
C ASN B 254 6.13 -27.55 -13.12
N VAL B 255 5.55 -26.38 -13.40
CA VAL B 255 4.57 -25.76 -12.53
C VAL B 255 3.29 -25.38 -13.29
N TRP B 256 3.06 -26.01 -14.44
CA TRP B 256 1.97 -25.62 -15.33
C TRP B 256 0.84 -26.62 -15.39
N ASP B 257 1.04 -27.76 -14.72
CA ASP B 257 0.13 -28.89 -14.80
C ASP B 257 -0.61 -29.05 -13.48
N PHE B 258 -0.67 -27.99 -12.68
CA PHE B 258 -1.44 -28.04 -11.45
C PHE B 258 -1.82 -26.65 -10.97
N LYS B 259 -2.88 -26.57 -10.17
CA LYS B 259 -3.43 -25.32 -9.65
C LYS B 259 -3.52 -25.39 -8.13
N LEU B 260 -3.10 -24.32 -7.45
CA LEU B 260 -3.32 -24.19 -6.01
C LEU B 260 -4.76 -23.74 -5.76
N THR B 261 -5.40 -24.29 -4.73
CA THR B 261 -6.76 -23.87 -4.33
C THR B 261 -6.78 -22.49 -3.73
N GLU B 262 -7.93 -21.84 -3.76
CA GLU B 262 -8.10 -20.59 -3.04
C GLU B 262 -7.67 -20.72 -1.56
N GLU B 263 -7.96 -21.85 -0.92
CA GLU B 263 -7.57 -22.06 0.49
C GLU B 263 -6.06 -22.27 0.62
N GLU B 264 -5.46 -23.03 -0.29
CA GLU B 264 -4.01 -23.19 -0.30
C GLU B 264 -3.29 -21.82 -0.43
N MET B 265 -3.85 -20.92 -1.22
CA MET B 265 -3.30 -19.57 -1.37
C MET B 265 -3.40 -18.81 -0.08
N ARG B 266 -4.54 -18.88 0.62
CA ARG B 266 -4.69 -18.17 1.92
C ARG B 266 -3.69 -18.72 2.96
N GLN B 267 -3.47 -20.02 2.91
CA GLN B 267 -2.57 -20.69 3.83
C GLN B 267 -1.14 -20.22 3.63
N ILE B 268 -0.70 -20.12 2.37
CA ILE B 268 0.63 -19.63 2.08
C ILE B 268 0.71 -18.14 2.45
N ASP B 269 -0.32 -17.38 2.11
CA ASP B 269 -0.36 -15.93 2.44
C ASP B 269 -0.20 -15.73 3.95
N GLU B 270 -0.82 -16.59 4.76
CA GLU B 270 -0.75 -16.48 6.22
C GLU B 270 0.67 -16.63 6.76
N LEU B 271 1.59 -17.17 5.98
CA LEU B 271 2.99 -17.28 6.39
C LEU B 271 3.71 -15.94 6.52
N ASN B 272 3.12 -14.89 5.99
CA ASN B 272 3.83 -13.64 5.95
C ASN B 272 4.29 -13.20 7.34
N GLU B 273 5.56 -12.86 7.45
CA GLU B 273 6.13 -12.33 8.67
C GLU B 273 6.69 -10.92 8.45
N ASP B 274 6.56 -10.37 7.24
CA ASP B 274 7.29 -9.14 6.88
C ASP B 274 8.79 -9.20 7.28
N LYS B 275 9.39 -10.40 7.19
CA LYS B 275 10.81 -10.63 7.54
C LYS B 275 11.66 -10.46 6.29
N ARG B 276 12.23 -9.28 6.11
CA ARG B 276 13.17 -9.03 5.01
C ARG B 276 14.47 -9.79 5.30
N ILE B 277 15.04 -10.41 4.29
CA ILE B 277 16.21 -11.23 4.46
C ILE B 277 17.40 -10.69 3.66
N GLY B 278 17.16 -10.00 2.57
CA GLY B 278 18.24 -9.35 1.84
C GLY B 278 18.38 -7.92 2.31
N ALA B 279 19.10 -7.13 1.52
CA ALA B 279 19.47 -5.78 1.88
C ALA B 279 18.28 -4.82 1.80
N ASP B 280 18.33 -3.76 2.63
CA ASP B 280 17.27 -2.76 2.70
C ASP B 280 17.50 -1.65 1.68
N PRO B 281 16.54 -1.42 0.78
CA PRO B 281 16.77 -0.41 -0.24
C PRO B 281 17.13 0.96 0.31
N ASP B 282 16.55 1.33 1.45
CA ASP B 282 16.75 2.68 1.99
C ASP B 282 18.17 2.93 2.55
N ASN B 283 18.90 1.86 2.85
CA ASN B 283 20.27 1.98 3.39
C ASN B 283 21.21 0.96 2.74
N PHE B 284 21.16 0.88 1.41
CA PHE B 284 22.03 -0.05 0.66
C PHE B 284 22.29 0.46 -0.74
N PHE B 285 23.55 0.82 -1.00
CA PHE B 285 23.91 1.37 -2.29
C PHE B 285 25.40 1.21 -2.56
N PRO B 286 25.94 -0.01 -2.38
CA PRO B 286 27.37 -0.19 -2.66
C PRO B 286 27.71 0.25 -4.07
N GLY B 287 28.88 0.84 -4.24
CA GLY B 287 29.35 1.31 -5.54
C GLY B 287 28.94 2.73 -5.89
N GLY B 288 28.14 3.38 -5.05
CA GLY B 288 27.65 4.75 -5.32
C GLY B 288 28.80 5.75 -5.46
N GLU C . -13.95 16.11 7.87
CA GLU C . -13.74 16.63 6.56
C GLU C . -12.46 16.05 5.95
O GLU C . -12.54 15.46 4.89
CB GLU C . -13.71 18.17 6.63
CG GLU C . -13.84 18.90 5.31
CD GLU C . -12.97 20.09 5.28
OE1 GLU C . -11.75 19.92 5.26
OE2 GLU C . -13.53 21.17 5.32
OXT GLU C . -11.32 16.08 6.46
N GLU D . 19.14 -10.03 -6.82
CA GLU D . 19.58 -8.70 -6.39
C GLU D . 18.62 -7.56 -6.82
O GLU D . 17.86 -7.53 -7.82
CB GLU D . 21.03 -8.43 -6.87
CG GLU D . 22.14 -8.66 -5.81
CD GLU D . 23.14 -7.51 -5.69
OE1 GLU D . 24.36 -7.77 -5.64
OE2 GLU D . 22.73 -6.33 -5.66
OXT GLU D . 18.60 -6.59 -6.08
S SO4 E . 16.05 -18.27 -5.36
O1 SO4 E . 17.29 -19.00 -4.94
O2 SO4 E . 15.53 -18.73 -6.66
O3 SO4 E . 16.37 -16.82 -5.48
O4 SO4 E . 15.00 -18.44 -4.33
#